data_6G37
#
_entry.id   6G37
#
_cell.length_a   78.711
_cell.length_b   78.890
_cell.length_c   79.630
_cell.angle_alpha   90.00
_cell.angle_beta   90.00
_cell.angle_gamma   90.00
#
_symmetry.space_group_name_H-M   'P 21 21 21'
#
loop_
_entity.id
_entity.type
_entity.pdbx_description
1 polymer 'Serine/threonine-protein kinase haspin'
2 non-polymer 'PHOSPHATE ION'
3 non-polymer 5-fluorotubercidin
4 water water
#
_entity_poly.entity_id   1
_entity_poly.type   'polypeptide(L)'
_entity_poly.pdbx_seq_one_letter_code
;MHHHHHHSSGVDLGTENLYFQSMGECSQKGPVPFSHCLPTEKLQRCEKIGEGVFGEVFQTIADHTPVAIKIIAIEGPDLV
NGSHQKTFEEILPEIIISKELSLLSGEVCNRTEGFIGLNSVHCVQGSYPPLLLKAWDHYNSTKGSANDRPDFFKDDQLFI
VLEFEFGGIDLEQMRTKLSSLATAKSILHQLTASLAVAEASLRFEHRDLHWGNVLLKKTSLKKLHYTLNGKSSTIPSCGL
QVSIIDYTLSRLERDGIVVFCDVSMDEDLFTGDGDYQFDIYRLMKKENNNRWGEYHPYSNVLWLHYLTDKMLKQMTFKTK
CNTPAMKQIKRKIQEFHRTMLNFSSATDLLCQHSLFK
;
_entity_poly.pdbx_strand_id   A
#
loop_
_chem_comp.id
_chem_comp.type
_chem_comp.name
_chem_comp.formula
FTU non-polymer 5-fluorotubercidin 'C11 H13 F N4 O4'
PO4 non-polymer 'PHOSPHATE ION' 'O4 P -3'
#
# COMPACT_ATOMS: atom_id res chain seq x y z
N PRO A 31 14.06 -11.52 20.86
CA PRO A 31 12.94 -10.57 20.83
C PRO A 31 13.03 -9.54 21.97
N VAL A 32 12.37 -8.42 21.81
CA VAL A 32 12.33 -7.31 22.80
C VAL A 32 10.91 -7.14 23.37
N PRO A 33 10.76 -6.48 24.53
CA PRO A 33 9.40 -6.13 24.97
C PRO A 33 8.77 -5.04 24.16
N PHE A 34 7.45 -4.94 24.22
CA PHE A 34 6.76 -3.86 23.54
C PHE A 34 7.33 -2.48 23.90
N SER A 35 7.71 -2.31 25.16
CA SER A 35 8.21 -1.02 25.63
C SER A 35 9.45 -0.50 24.92
N HIS A 36 10.19 -1.39 24.25
CA HIS A 36 11.33 -1.03 23.43
C HIS A 36 10.91 -0.16 22.21
N CYS A 37 9.86 -0.58 21.53
CA CYS A 37 9.24 0.11 20.37
C CYS A 37 8.34 1.22 20.73
N LEU A 38 7.63 1.02 21.86
CA LEU A 38 6.58 1.90 22.29
C LEU A 38 6.87 2.22 23.75
N PRO A 39 7.84 3.13 23.99
CA PRO A 39 8.02 3.66 25.32
C PRO A 39 6.78 4.41 25.76
N THR A 40 6.68 4.71 27.04
CA THR A 40 5.43 5.17 27.62
C THR A 40 4.75 6.29 26.86
N GLU A 41 5.46 7.39 26.59
CA GLU A 41 4.80 8.53 25.98
C GLU A 41 4.30 8.19 24.58
N LYS A 42 5.07 7.41 23.85
CA LYS A 42 4.68 7.00 22.51
C LYS A 42 3.47 6.05 22.55
N LEU A 43 3.47 5.14 23.52
CA LEU A 43 2.31 4.27 23.70
C LEU A 43 1.02 5.05 24.08
N GLN A 44 1.17 6.03 24.97
CA GLN A 44 0.07 6.87 25.41
C GLN A 44 -0.55 7.70 24.30
N ARG A 45 0.22 7.95 23.25
CA ARG A 45 -0.29 8.73 22.13
C ARG A 45 -0.81 7.89 20.97
N CYS A 46 -0.84 6.55 21.11
CA CYS A 46 -1.33 5.68 20.04
C CYS A 46 -2.84 5.80 19.87
N GLU A 47 -3.25 5.92 18.63
CA GLU A 47 -4.63 5.88 18.19
C GLU A 47 -4.72 4.85 17.06
N LYS A 48 -5.73 4.00 17.09
CA LYS A 48 -5.86 3.04 16.00
C LYS A 48 -6.35 3.74 14.73
N ILE A 49 -5.70 3.40 13.62
CA ILE A 49 -6.08 3.98 12.32
C ILE A 49 -6.45 2.99 11.25
N GLY A 50 -6.22 1.70 11.44
CA GLY A 50 -6.55 0.75 10.43
C GLY A 50 -6.39 -0.66 10.92
N GLU A 51 -6.80 -1.59 10.07
CA GLU A 51 -6.78 -3.00 10.43
C GLU A 51 -6.90 -3.84 9.18
N GLY A 52 -6.64 -5.14 9.37
CA GLY A 52 -6.92 -6.17 8.39
C GLY A 52 -6.83 -7.49 9.06
N VAL A 53 -7.01 -8.56 8.30
CA VAL A 53 -6.85 -9.90 8.88
C VAL A 53 -5.45 -10.00 9.51
N PHE A 54 -4.48 -9.33 8.90
CA PHE A 54 -3.10 -9.35 9.38
C PHE A 54 -2.89 -8.89 10.79
N GLY A 55 -3.77 -8.01 11.32
CA GLY A 55 -3.46 -7.28 12.53
C GLY A 55 -3.95 -5.86 12.53
N GLU A 56 -3.17 -4.99 13.16
CA GLU A 56 -3.64 -3.68 13.60
C GLU A 56 -2.63 -2.64 13.20
N VAL A 57 -3.12 -1.42 12.94
CA VAL A 57 -2.25 -0.29 12.61
C VAL A 57 -2.64 0.87 13.53
N PHE A 58 -1.63 1.42 14.19
CA PHE A 58 -1.79 2.55 15.10
C PHE A 58 -0.99 3.74 14.61
N GLN A 59 -1.46 4.92 14.89
CA GLN A 59 -0.69 6.16 14.64
C GLN A 59 -0.22 6.65 16.00
N THR A 60 1.02 7.13 16.05
CA THR A 60 1.52 7.78 17.22
C THR A 60 2.51 8.86 16.76
N ILE A 61 3.27 9.39 17.69
CA ILE A 61 4.14 10.55 17.46
CA ILE A 61 4.16 10.46 17.37
C ILE A 61 5.44 10.28 18.16
N ALA A 62 6.55 10.55 17.51
CA ALA A 62 7.82 10.60 18.25
C ALA A 62 8.67 11.69 17.56
N ASP A 63 9.41 12.48 18.35
CA ASP A 63 10.16 13.61 17.82
C ASP A 63 9.26 14.46 16.91
N HIS A 64 8.07 14.78 17.44
CA HIS A 64 7.12 15.72 16.81
C HIS A 64 6.61 15.27 15.46
N THR A 65 6.78 13.97 15.15
CA THR A 65 6.56 13.47 13.79
C THR A 65 5.66 12.26 13.85
N PRO A 66 4.52 12.30 13.15
CA PRO A 66 3.64 11.11 13.16
C PRO A 66 4.28 9.90 12.53
N VAL A 67 3.94 8.75 13.06
CA VAL A 67 4.37 7.48 12.52
C VAL A 67 3.20 6.50 12.58
N ALA A 68 3.26 5.47 11.75
CA ALA A 68 2.28 4.39 11.76
C ALA A 68 2.96 3.11 12.15
N ILE A 69 2.33 2.39 13.05
CA ILE A 69 2.90 1.17 13.61
C ILE A 69 1.98 0.01 13.25
N LYS A 70 2.49 -0.95 12.50
CA LYS A 70 1.75 -2.15 12.07
C LYS A 70 2.22 -3.30 12.94
N ILE A 71 1.28 -3.96 13.57
CA ILE A 71 1.58 -5.02 14.56
C ILE A 71 0.95 -6.33 14.10
N ILE A 72 1.81 -7.35 13.86
CA ILE A 72 1.37 -8.65 13.30
C ILE A 72 1.80 -9.77 14.23
N ALA A 73 0.83 -10.55 14.72
CA ALA A 73 1.18 -11.73 15.55
C ALA A 73 1.78 -12.80 14.68
N ILE A 74 2.86 -13.40 15.15
CA ILE A 74 3.51 -14.51 14.43
C ILE A 74 3.78 -15.72 15.29
N GLU A 75 3.88 -16.88 14.64
CA GLU A 75 4.45 -18.11 15.22
C GLU A 75 3.59 -18.86 16.21
N GLY A 76 2.42 -18.36 16.57
CA GLY A 76 1.58 -19.02 17.58
C GLY A 76 0.50 -19.87 16.96
N PRO A 77 -0.17 -20.65 17.80
CA PRO A 77 -1.16 -21.63 17.30
C PRO A 77 -2.61 -21.09 17.25
N ASP A 78 -2.87 -19.94 17.85
CA ASP A 78 -4.22 -19.39 17.89
C ASP A 78 -4.61 -18.81 16.53
N LEU A 79 -5.88 -19.01 16.16
CA LEU A 79 -6.45 -18.21 15.08
C LEU A 79 -6.53 -16.77 15.51
N VAL A 80 -6.22 -15.88 14.58
CA VAL A 80 -6.28 -14.44 14.84
C VAL A 80 -7.08 -13.87 13.69
N ASN A 81 -8.20 -13.24 14.02
CA ASN A 81 -9.11 -12.71 13.00
C ASN A 81 -9.54 -13.78 12.00
N GLY A 82 -9.68 -15.01 12.50
CA GLY A 82 -10.14 -16.12 11.68
C GLY A 82 -9.10 -16.88 10.88
N SER A 83 -7.83 -16.46 10.96
CA SER A 83 -6.75 -17.01 10.14
C SER A 83 -5.58 -17.46 11.02
N HIS A 84 -4.83 -18.44 10.53
CA HIS A 84 -3.60 -18.83 11.20
C HIS A 84 -2.58 -17.72 11.12
N GLN A 85 -1.75 -17.68 12.16
CA GLN A 85 -0.64 -16.73 12.18
C GLN A 85 0.46 -17.19 11.24
N LYS A 86 1.08 -16.22 10.60
CA LYS A 86 2.27 -16.48 9.80
C LYS A 86 3.44 -16.91 10.68
N THR A 87 4.30 -17.74 10.11
CA THR A 87 5.60 -18.05 10.73
C THR A 87 6.58 -16.91 10.41
N PHE A 88 7.73 -16.94 11.09
CA PHE A 88 8.77 -15.96 10.77
C PHE A 88 9.18 -16.06 9.27
N GLU A 89 9.31 -17.26 8.73
CA GLU A 89 9.70 -17.44 7.34
C GLU A 89 8.64 -16.79 6.41
N GLU A 90 7.37 -16.90 6.79
CA GLU A 90 6.27 -16.34 5.99
C GLU A 90 6.15 -14.82 6.05
N ILE A 91 6.58 -14.19 7.12
CA ILE A 91 6.50 -12.72 7.25
C ILE A 91 7.76 -12.06 6.72
N LEU A 92 8.86 -12.80 6.54
CA LEU A 92 10.10 -12.20 6.04
C LEU A 92 9.96 -11.48 4.70
N PRO A 93 9.24 -12.07 3.73
CA PRO A 93 9.09 -11.33 2.46
C PRO A 93 8.54 -9.92 2.60
N GLU A 94 7.50 -9.70 3.40
CA GLU A 94 6.99 -8.36 3.59
C GLU A 94 8.03 -7.44 4.22
N ILE A 95 8.79 -7.95 5.17
CA ILE A 95 9.82 -7.12 5.80
C ILE A 95 10.88 -6.71 4.79
N ILE A 96 11.39 -7.69 4.02
CA ILE A 96 12.42 -7.43 3.02
C ILE A 96 11.92 -6.41 1.98
N ILE A 97 10.70 -6.63 1.48
CA ILE A 97 10.17 -5.75 0.43
C ILE A 97 9.94 -4.34 0.98
N SER A 98 9.40 -4.24 2.21
CA SER A 98 9.24 -2.93 2.81
C SER A 98 10.55 -2.16 2.84
N LYS A 99 11.64 -2.85 3.21
CA LYS A 99 12.94 -2.18 3.28
C LYS A 99 13.39 -1.75 1.89
N GLU A 100 13.31 -2.66 0.92
CA GLU A 100 13.83 -2.33 -0.43
C GLU A 100 13.08 -1.16 -1.03
N LEU A 101 11.77 -1.11 -0.83
CA LEU A 101 10.98 -0.02 -1.46
C LEU A 101 11.22 1.29 -0.75
N SER A 102 11.40 1.23 0.58
CA SER A 102 11.74 2.46 1.30
C SER A 102 13.07 3.03 0.82
N LEU A 103 14.04 2.15 0.55
CA LEU A 103 15.36 2.61 0.11
C LEU A 103 15.36 3.32 -1.24
N LEU A 104 14.28 3.14 -2.05
CA LEU A 104 14.24 3.84 -3.33
C LEU A 104 14.21 5.35 -3.16
N SER A 105 13.81 5.87 -2.00
CA SER A 105 13.85 7.31 -1.84
C SER A 105 15.22 7.91 -1.82
N GLY A 106 16.24 7.09 -1.55
CA GLY A 106 17.61 7.58 -1.50
C GLY A 106 18.52 7.09 -2.59
N GLU A 107 17.94 6.39 -3.58
CA GLU A 107 18.72 5.93 -4.70
C GLU A 107 18.91 7.01 -5.73
N VAL A 108 19.62 6.70 -6.81
CA VAL A 108 20.03 7.71 -7.81
C VAL A 108 19.45 7.41 -9.19
N CYS A 109 19.76 6.24 -9.75
CA CYS A 109 19.32 5.91 -11.11
C CYS A 109 17.83 5.56 -11.15
N ASN A 110 17.35 4.91 -10.10
CA ASN A 110 15.92 4.58 -9.95
C ASN A 110 15.48 5.03 -8.58
N ARG A 111 14.84 6.21 -8.55
CA ARG A 111 14.53 6.92 -7.31
C ARG A 111 13.07 7.31 -7.32
N THR A 112 12.40 7.01 -6.22
CA THR A 112 11.04 7.47 -6.00
C THR A 112 10.76 7.55 -4.50
N GLU A 113 9.94 8.55 -4.11
CA GLU A 113 9.42 8.63 -2.74
C GLU A 113 8.02 8.09 -2.64
N GLY A 114 7.52 7.41 -3.69
CA GLY A 114 6.13 7.02 -3.73
C GLY A 114 5.73 5.77 -3.02
N PHE A 115 6.68 5.10 -2.40
CA PHE A 115 6.37 4.01 -1.47
C PHE A 115 6.24 4.64 -0.12
N ILE A 116 6.39 3.90 0.91
CA ILE A 116 6.29 4.43 2.27
C ILE A 116 7.63 4.21 2.97
N GLY A 117 8.08 5.19 3.75
CA GLY A 117 9.28 5.00 4.49
C GLY A 117 9.15 3.98 5.60
N LEU A 118 10.18 3.19 5.76
CA LEU A 118 10.28 2.23 6.85
C LEU A 118 11.31 2.73 7.86
N ASN A 119 10.83 3.00 9.07
CA ASN A 119 11.73 3.50 10.11
C ASN A 119 12.44 2.38 10.84
N SER A 120 11.68 1.31 11.18
CA SER A 120 12.29 0.22 11.92
C SER A 120 11.41 -1.00 11.87
N VAL A 121 12.01 -2.13 12.19
CA VAL A 121 11.27 -3.41 12.34
C VAL A 121 11.82 -4.11 13.56
N HIS A 122 10.92 -4.60 14.41
CA HIS A 122 11.30 -5.32 15.62
C HIS A 122 10.48 -6.60 15.74
N CYS A 123 11.11 -7.60 16.38
CA CYS A 123 10.38 -8.76 16.85
C CYS A 123 10.19 -8.56 18.34
N VAL A 124 8.93 -8.55 18.76
CA VAL A 124 8.53 -8.23 20.12
C VAL A 124 7.91 -9.50 20.73
N GLN A 125 8.12 -9.68 22.03
CA GLN A 125 7.48 -10.73 22.80
C GLN A 125 6.71 -10.13 23.97
N GLY A 126 5.46 -10.54 24.10
CA GLY A 126 4.64 -10.18 25.25
C GLY A 126 3.16 -10.26 24.96
N SER A 127 2.36 -10.04 25.99
CA SER A 127 0.92 -9.87 25.80
C SER A 127 0.67 -8.46 25.21
N TYR A 128 -0.52 -8.25 24.71
CA TYR A 128 -0.80 -6.99 24.05
C TYR A 128 -0.88 -5.87 25.09
N PRO A 129 -0.22 -4.74 24.84
CA PRO A 129 -0.27 -3.66 25.82
C PRO A 129 -1.69 -3.17 26.13
N PRO A 130 -2.03 -3.03 27.41
CA PRO A 130 -3.33 -2.49 27.74
C PRO A 130 -3.64 -1.14 27.09
N LEU A 131 -2.65 -0.29 26.91
CA LEU A 131 -2.90 1.01 26.27
C LEU A 131 -3.28 0.85 24.81
N LEU A 132 -2.75 -0.17 24.14
CA LEU A 132 -3.17 -0.44 22.77
C LEU A 132 -4.57 -1.05 22.74
N LEU A 133 -4.93 -1.85 23.74
CA LEU A 133 -6.32 -2.34 23.84
C LEU A 133 -7.31 -1.20 24.02
N LYS A 134 -6.94 -0.16 24.77
CA LYS A 134 -7.78 1.00 24.95
C LYS A 134 -8.00 1.71 23.60
N ALA A 135 -6.92 1.89 22.84
CA ALA A 135 -7.01 2.46 21.50
C ALA A 135 -7.86 1.58 20.56
N TRP A 136 -7.69 0.27 20.68
CA TRP A 136 -8.47 -0.67 19.86
C TRP A 136 -9.97 -0.50 20.17
N ASP A 137 -10.31 -0.45 21.46
CA ASP A 137 -11.71 -0.27 21.89
C ASP A 137 -12.30 1.00 21.39
N HIS A 138 -11.54 2.10 21.42
CA HIS A 138 -12.08 3.38 20.95
C HIS A 138 -12.47 3.30 19.45
N TYR A 139 -11.64 2.64 18.66
CA TYR A 139 -11.90 2.48 17.22
C TYR A 139 -13.13 1.59 17.05
N ASN A 140 -13.20 0.52 17.82
CA ASN A 140 -14.33 -0.39 17.73
C ASN A 140 -15.66 0.32 18.03
N SER A 141 -15.61 1.26 18.99
CA SER A 141 -16.77 2.02 19.43
C SER A 141 -17.22 3.08 18.43
N THR A 142 -16.30 3.61 17.64
CA THR A 142 -16.58 4.71 16.72
C THR A 142 -16.68 4.32 15.26
N LYS A 143 -15.83 3.43 14.79
CA LYS A 143 -15.81 2.98 13.42
C LYS A 143 -16.29 1.56 13.26
N GLY A 144 -16.12 0.74 14.29
CA GLY A 144 -16.44 -0.68 14.25
C GLY A 144 -15.26 -1.44 13.67
N SER A 145 -15.02 -2.62 14.21
CA SER A 145 -13.93 -3.48 13.78
C SER A 145 -14.45 -4.83 13.31
N ALA A 146 -13.78 -5.39 12.32
CA ALA A 146 -13.99 -6.77 11.86
C ALA A 146 -13.08 -7.75 12.57
N ASN A 147 -12.18 -7.26 13.40
CA ASN A 147 -11.16 -8.11 14.06
C ASN A 147 -11.58 -8.51 15.46
N ASP A 148 -10.92 -9.55 15.93
CA ASP A 148 -11.00 -9.93 17.34
C ASP A 148 -10.27 -8.90 18.19
N ARG A 149 -10.82 -8.62 19.37
CA ARG A 149 -10.10 -7.80 20.33
C ARG A 149 -8.83 -8.56 20.73
N PRO A 150 -7.65 -7.94 20.57
CA PRO A 150 -6.39 -8.70 20.68
C PRO A 150 -5.93 -8.84 22.12
N ASP A 151 -6.80 -9.40 22.98
CA ASP A 151 -6.56 -9.46 24.42
C ASP A 151 -6.29 -10.88 24.93
N PHE A 152 -6.09 -11.81 24.01
CA PHE A 152 -5.99 -13.23 24.30
C PHE A 152 -4.58 -13.78 24.16
N PHE A 153 -3.61 -12.91 23.90
CA PHE A 153 -2.21 -13.32 23.75
C PHE A 153 -1.56 -13.48 25.11
N LYS A 154 -0.71 -14.49 25.20
CA LYS A 154 0.09 -14.73 26.38
C LYS A 154 1.42 -13.97 26.34
N ASP A 155 2.14 -14.00 27.46
CA ASP A 155 3.38 -13.23 27.56
C ASP A 155 4.53 -13.82 26.74
N ASP A 156 4.35 -15.01 26.15
CA ASP A 156 5.34 -15.54 25.21
C ASP A 156 5.02 -15.31 23.77
N GLN A 157 3.91 -14.61 23.48
CA GLN A 157 3.55 -14.36 22.08
C GLN A 157 4.55 -13.49 21.36
N LEU A 158 4.89 -13.88 20.14
CA LEU A 158 5.73 -13.05 19.29
C LEU A 158 4.90 -12.22 18.30
N PHE A 159 5.43 -11.03 18.02
CA PHE A 159 4.88 -10.11 17.03
C PHE A 159 6.00 -9.52 16.23
N ILE A 160 5.67 -9.14 15.01
CA ILE A 160 6.48 -8.20 14.20
C ILE A 160 5.84 -6.83 14.33
N VAL A 161 6.67 -5.85 14.66
CA VAL A 161 6.23 -4.47 14.73
C VAL A 161 7.01 -3.68 13.66
N LEU A 162 6.29 -3.19 12.69
CA LEU A 162 6.86 -2.34 11.63
C LEU A 162 6.48 -0.93 11.89
N GLU A 163 7.45 -0.05 11.96
CA GLU A 163 7.19 1.40 12.13
C GLU A 163 7.47 2.09 10.81
N PHE A 164 6.40 2.66 10.27
CA PHE A 164 6.44 3.39 9.00
C PHE A 164 6.28 4.87 9.19
N GLU A 165 6.78 5.62 8.20
CA GLU A 165 6.32 6.96 7.95
C GLU A 165 4.78 6.99 7.93
N PHE A 166 4.21 8.02 8.50
CA PHE A 166 2.76 8.23 8.39
C PHE A 166 2.49 8.78 6.99
N GLY A 167 1.72 8.01 6.22
CA GLY A 167 1.52 8.35 4.80
C GLY A 167 0.27 9.11 4.46
N GLY A 168 -0.54 9.45 5.43
CA GLY A 168 -1.82 10.14 5.19
C GLY A 168 -2.98 9.21 5.27
N ILE A 169 -4.02 9.53 4.47
CA ILE A 169 -5.33 8.87 4.54
C ILE A 169 -5.53 8.07 3.27
N ASP A 170 -6.06 6.86 3.40
CA ASP A 170 -6.23 6.02 2.23
C ASP A 170 -7.29 6.55 1.26
N LEU A 171 -7.08 6.19 -0.02
CA LEU A 171 -7.96 6.64 -1.10
C LEU A 171 -9.44 6.27 -0.82
N GLU A 172 -9.67 5.06 -0.33
CA GLU A 172 -11.03 4.62 0.02
C GLU A 172 -11.72 5.60 0.99
N GLN A 173 -11.01 6.01 2.03
CA GLN A 173 -11.54 6.96 3.02
C GLN A 173 -11.67 8.38 2.45
N MET A 174 -10.97 8.65 1.35
CA MET A 174 -11.06 9.94 0.67
C MET A 174 -12.07 9.92 -0.47
N ARG A 175 -12.91 8.89 -0.54
CA ARG A 175 -13.87 8.75 -1.65
C ARG A 175 -14.62 10.03 -2.00
N THR A 176 -15.00 10.81 -0.99
CA THR A 176 -15.83 12.01 -1.13
C THR A 176 -15.08 13.30 -0.81
N LYS A 177 -13.75 13.22 -0.71
CA LYS A 177 -13.02 14.34 -0.12
C LYS A 177 -12.10 15.08 -1.10
N LEU A 178 -11.92 14.58 -2.32
CA LEU A 178 -10.97 15.19 -3.25
C LEU A 178 -11.63 16.29 -4.06
N SER A 179 -10.79 17.23 -4.48
CA SER A 179 -11.24 18.43 -5.16
C SER A 179 -11.94 18.21 -6.51
N SER A 180 -11.23 17.51 -7.38
CA SER A 180 -11.66 17.33 -8.77
C SER A 180 -10.92 16.21 -9.43
N LEU A 181 -11.33 15.87 -10.66
CA LEU A 181 -10.60 14.86 -11.43
C LEU A 181 -9.19 15.26 -11.77
N ALA A 182 -8.83 16.55 -11.75
CA ALA A 182 -7.40 16.93 -11.88
C ALA A 182 -6.53 16.26 -10.81
N THR A 183 -7.08 16.16 -9.62
CA THR A 183 -6.37 15.48 -8.55
C THR A 183 -6.19 14.01 -8.89
N ALA A 184 -7.23 13.40 -9.42
CA ALA A 184 -7.15 12.00 -9.83
C ALA A 184 -6.02 11.76 -10.85
N LYS A 185 -5.83 12.66 -11.78
CA LYS A 185 -4.75 12.54 -12.76
C LYS A 185 -3.36 12.51 -12.09
N SER A 186 -3.15 13.45 -11.16
CA SER A 186 -1.90 13.47 -10.42
C SER A 186 -1.70 12.16 -9.65
N ILE A 187 -2.75 11.66 -9.02
CA ILE A 187 -2.66 10.42 -8.25
C ILE A 187 -2.25 9.26 -9.17
N LEU A 188 -2.92 9.15 -10.32
CA LEU A 188 -2.58 8.06 -11.26
C LEU A 188 -1.16 8.19 -11.79
N HIS A 189 -0.72 9.42 -12.05
CA HIS A 189 0.63 9.65 -12.56
C HIS A 189 1.67 9.26 -11.49
N GLN A 190 1.41 9.68 -10.26
CA GLN A 190 2.32 9.32 -9.13
C GLN A 190 2.40 7.82 -8.94
N LEU A 191 1.28 7.14 -8.96
CA LEU A 191 1.26 5.68 -8.80
C LEU A 191 2.01 5.00 -9.92
N THR A 192 1.75 5.43 -11.16
CA THR A 192 2.37 4.80 -12.30
C THR A 192 3.90 4.99 -12.27
N ALA A 193 4.33 6.20 -11.91
CA ALA A 193 5.76 6.49 -11.83
C ALA A 193 6.46 5.64 -10.78
N SER A 194 5.84 5.53 -9.61
CA SER A 194 6.45 4.77 -8.51
C SER A 194 6.57 3.31 -8.89
N LEU A 195 5.51 2.75 -9.45
CA LEU A 195 5.55 1.36 -9.92
C LEU A 195 6.58 1.14 -11.00
N ALA A 196 6.71 2.09 -11.94
CA ALA A 196 7.71 1.97 -12.97
C ALA A 196 9.13 1.93 -12.41
N VAL A 197 9.38 2.84 -11.46
CA VAL A 197 10.73 2.87 -10.85
C VAL A 197 11.04 1.56 -10.14
N ALA A 198 10.05 1.02 -9.44
CA ALA A 198 10.26 -0.25 -8.75
C ALA A 198 10.36 -1.45 -9.73
N GLU A 199 9.66 -1.40 -10.85
CA GLU A 199 9.87 -2.41 -11.90
C GLU A 199 11.31 -2.38 -12.38
N ALA A 200 11.79 -1.18 -12.66
CA ALA A 200 13.09 -1.02 -13.26
C ALA A 200 14.21 -1.44 -12.32
N SER A 201 14.05 -1.12 -11.04
CA SER A 201 15.14 -1.41 -10.08
CA SER A 201 15.12 -1.39 -10.02
C SER A 201 15.06 -2.81 -9.47
N LEU A 202 13.84 -3.30 -9.29
CA LEU A 202 13.59 -4.50 -8.47
C LEU A 202 12.71 -5.54 -9.12
N ARG A 203 12.26 -5.34 -10.37
CA ARG A 203 11.30 -6.28 -10.99
C ARG A 203 10.14 -6.53 -10.01
N PHE A 204 9.62 -5.42 -9.50
CA PHE A 204 8.57 -5.43 -8.49
C PHE A 204 7.16 -5.55 -9.06
N GLU A 205 6.34 -6.35 -8.37
CA GLU A 205 4.90 -6.35 -8.58
C GLU A 205 4.26 -6.18 -7.21
N HIS A 206 3.32 -5.24 -7.08
CA HIS A 206 2.68 -5.04 -5.80
C HIS A 206 1.73 -6.20 -5.45
N ARG A 207 0.86 -6.52 -6.43
CA ARG A 207 -0.09 -7.64 -6.38
C ARG A 207 -1.29 -7.48 -5.46
N ASP A 208 -1.42 -6.33 -4.78
CA ASP A 208 -2.60 -6.14 -3.90
C ASP A 208 -2.86 -4.67 -3.70
N LEU A 209 -2.89 -3.92 -4.82
CA LEU A 209 -2.94 -2.47 -4.70
C LEU A 209 -4.39 -1.98 -4.73
N HIS A 210 -5.17 -2.50 -3.80
CA HIS A 210 -6.52 -2.03 -3.62
C HIS A 210 -6.50 -0.61 -3.04
N TRP A 211 -7.65 0.06 -3.08
CA TRP A 211 -7.65 1.49 -2.69
C TRP A 211 -7.45 1.78 -1.22
N GLY A 212 -7.41 0.76 -0.37
CA GLY A 212 -6.93 0.97 1.00
C GLY A 212 -5.41 1.09 1.10
N ASN A 213 -4.70 0.78 0.03
CA ASN A 213 -3.24 0.75 0.04
C ASN A 213 -2.61 1.91 -0.73
N VAL A 214 -3.44 2.90 -1.09
CA VAL A 214 -2.99 4.14 -1.69
C VAL A 214 -3.24 5.23 -0.68
N LEU A 215 -2.18 5.85 -0.16
CA LEU A 215 -2.33 6.89 0.87
C LEU A 215 -2.07 8.27 0.28
N LEU A 216 -2.83 9.25 0.76
CA LEU A 216 -2.70 10.64 0.31
C LEU A 216 -2.41 11.55 1.46
N LYS A 217 -1.39 12.40 1.27
CA LYS A 217 -1.03 13.41 2.26
C LYS A 217 -0.88 14.76 1.56
N LYS A 218 -1.28 15.84 2.23
CA LYS A 218 -0.99 17.21 1.72
C LYS A 218 0.51 17.45 1.58
N THR A 219 0.88 18.16 0.51
CA THR A 219 2.24 18.63 0.35
C THR A 219 2.15 20.07 -0.11
N SER A 220 3.12 20.87 0.30
CA SER A 220 3.23 22.23 -0.25
C SER A 220 4.06 22.25 -1.54
N LEU A 221 4.67 21.14 -1.90
CA LEU A 221 5.44 21.03 -3.14
C LEU A 221 4.49 21.10 -4.34
N LYS A 222 4.82 21.92 -5.32
CA LYS A 222 4.03 21.98 -6.55
C LYS A 222 4.36 20.84 -7.49
N LYS A 223 5.59 20.35 -7.43
CA LYS A 223 6.06 19.29 -8.33
C LYS A 223 6.76 18.22 -7.50
N LEU A 224 6.54 16.97 -7.85
CA LEU A 224 7.27 15.85 -7.24
C LEU A 224 8.25 15.30 -8.25
N HIS A 225 9.35 14.72 -7.74
CA HIS A 225 10.46 14.30 -8.59
C HIS A 225 10.67 12.80 -8.52
N TYR A 226 10.97 12.18 -9.64
CA TYR A 226 11.43 10.77 -9.70
C TYR A 226 12.50 10.64 -10.74
N THR A 227 13.25 9.53 -10.65
CA THR A 227 14.24 9.22 -11.67
C THR A 227 14.03 7.77 -12.08
N LEU A 228 13.99 7.54 -13.39
CA LEU A 228 13.73 6.22 -13.96
C LEU A 228 14.88 5.93 -14.91
N ASN A 229 15.64 4.88 -14.59
CA ASN A 229 16.84 4.50 -15.38
C ASN A 229 17.73 5.68 -15.75
N GLY A 230 17.94 6.53 -14.74
CA GLY A 230 18.83 7.67 -14.87
C GLY A 230 18.24 8.94 -15.46
N LYS A 231 16.97 8.89 -15.87
CA LYS A 231 16.32 10.05 -16.47
C LYS A 231 15.33 10.63 -15.43
N SER A 232 15.53 11.89 -15.05
CA SER A 232 14.69 12.54 -14.03
C SER A 232 13.53 13.27 -14.66
N SER A 233 12.37 13.19 -14.02
CA SER A 233 11.23 13.98 -14.45
C SER A 233 10.42 14.43 -13.25
N THR A 234 9.36 15.17 -13.50
CA THR A 234 8.53 15.73 -12.47
C THR A 234 7.07 15.46 -12.73
N ILE A 235 6.28 15.55 -11.67
CA ILE A 235 4.83 15.36 -11.72
C ILE A 235 4.18 16.48 -10.94
N PRO A 236 3.23 17.19 -11.54
CA PRO A 236 2.50 18.18 -10.75
C PRO A 236 1.71 17.50 -9.63
N SER A 237 1.84 18.02 -8.42
CA SER A 237 1.28 17.33 -7.28
C SER A 237 -0.23 17.53 -7.05
N CYS A 238 -0.81 18.62 -7.54
CA CYS A 238 -2.17 19.02 -7.16
C CYS A 238 -2.33 19.06 -5.63
N GLY A 239 -1.23 19.35 -4.92
CA GLY A 239 -1.27 19.46 -3.49
C GLY A 239 -1.24 18.17 -2.71
N LEU A 240 -1.03 17.04 -3.37
CA LEU A 240 -1.01 15.72 -2.68
C LEU A 240 0.22 14.92 -3.00
N GLN A 241 0.74 14.23 -2.00
CA GLN A 241 1.76 13.22 -2.23
C GLN A 241 1.18 11.85 -1.95
N VAL A 242 1.33 10.97 -2.92
CA VAL A 242 0.86 9.60 -2.83
C VAL A 242 1.91 8.67 -2.26
N SER A 243 1.48 7.75 -1.39
CA SER A 243 2.33 6.66 -0.91
C SER A 243 1.63 5.33 -1.06
N ILE A 244 2.33 4.36 -1.63
CA ILE A 244 1.85 3.01 -1.79
C ILE A 244 2.34 2.21 -0.59
N ILE A 245 1.42 1.45 0.00
CA ILE A 245 1.73 0.62 1.19
C ILE A 245 1.35 -0.85 0.98
N ASP A 246 1.77 -1.67 1.94
CA ASP A 246 1.26 -3.06 2.21
C ASP A 246 1.76 -4.07 1.22
N TYR A 247 2.89 -4.68 1.56
CA TYR A 247 3.58 -5.56 0.61
C TYR A 247 3.43 -7.03 0.90
N THR A 248 2.34 -7.37 1.56
CA THR A 248 1.98 -8.74 1.95
CA THR A 248 2.08 -8.76 1.94
C THR A 248 1.94 -9.79 0.79
N LEU A 249 1.51 -9.33 -0.39
CA LEU A 249 1.41 -10.22 -1.56
C LEU A 249 2.48 -9.91 -2.62
N SER A 250 3.37 -8.94 -2.35
CA SER A 250 4.28 -8.44 -3.35
C SER A 250 5.42 -9.41 -3.68
N ARG A 251 6.06 -9.04 -4.79
CA ARG A 251 7.17 -9.80 -5.33
C ARG A 251 8.23 -8.86 -5.86
N LEU A 252 9.48 -9.25 -5.67
CA LEU A 252 10.60 -8.57 -6.30
C LEU A 252 11.78 -9.49 -6.38
N GLU A 253 12.84 -9.01 -6.99
CA GLU A 253 14.05 -9.82 -7.09
C GLU A 253 15.27 -8.93 -7.08
N ARG A 254 16.35 -9.45 -6.55
CA ARG A 254 17.67 -8.81 -6.67
C ARG A 254 18.66 -9.91 -6.97
N ASP A 255 19.39 -9.75 -8.06
CA ASP A 255 20.40 -10.71 -8.51
C ASP A 255 19.89 -12.15 -8.62
N GLY A 256 18.66 -12.26 -9.12
CA GLY A 256 18.04 -13.55 -9.38
C GLY A 256 17.45 -14.24 -8.18
N ILE A 257 17.48 -13.58 -7.00
CA ILE A 257 16.91 -14.14 -5.79
C ILE A 257 15.54 -13.46 -5.70
N VAL A 258 14.48 -14.27 -5.79
CA VAL A 258 13.11 -13.78 -5.83
C VAL A 258 12.50 -13.88 -4.44
N VAL A 259 11.87 -12.80 -4.00
CA VAL A 259 11.15 -12.71 -2.74
C VAL A 259 9.68 -12.50 -3.08
N PHE A 260 8.81 -13.38 -2.61
CA PHE A 260 7.40 -13.30 -2.98
C PHE A 260 6.52 -14.10 -2.03
N CYS A 261 5.21 -13.92 -2.18
CA CYS A 261 4.22 -14.74 -1.48
C CYS A 261 3.64 -15.79 -2.42
N ASP A 262 3.90 -17.05 -2.14
CA ASP A 262 3.36 -18.12 -2.98
C ASP A 262 1.89 -18.39 -2.62
N VAL A 263 0.97 -17.85 -3.43
CA VAL A 263 -0.46 -18.03 -3.22
C VAL A 263 -1.05 -19.10 -4.18
N SER A 264 -0.20 -19.95 -4.75
CA SER A 264 -0.66 -20.96 -5.74
C SER A 264 -1.71 -21.92 -5.22
N MET A 265 -1.68 -22.21 -3.92
CA MET A 265 -2.60 -23.14 -3.30
C MET A 265 -3.67 -22.45 -2.44
N ASP A 266 -3.69 -21.11 -2.44
CA ASP A 266 -4.68 -20.38 -1.67
C ASP A 266 -6.03 -20.56 -2.39
N GLU A 267 -7.08 -20.88 -1.66
CA GLU A 267 -8.41 -21.05 -2.28
C GLU A 267 -9.05 -19.69 -2.37
N ASP A 268 -9.23 -19.14 -1.15
CA ASP A 268 -10.08 -17.99 -0.90
C ASP A 268 -9.69 -16.72 -1.64
N LEU A 269 -8.41 -16.54 -1.92
CA LEU A 269 -7.96 -15.32 -2.61
C LEU A 269 -8.63 -15.13 -3.98
N PHE A 270 -8.96 -16.23 -4.64
CA PHE A 270 -9.49 -16.20 -6.01
C PHE A 270 -11.01 -16.35 -6.13
N THR A 271 -11.69 -16.38 -4.98
CA THR A 271 -13.13 -16.62 -4.95
C THR A 271 -13.96 -15.42 -4.46
N GLY A 272 -13.38 -14.22 -4.40
CA GLY A 272 -14.09 -13.02 -3.95
C GLY A 272 -15.11 -12.54 -4.99
N ASP A 273 -16.05 -11.72 -4.55
CA ASP A 273 -17.09 -11.16 -5.44
CA ASP A 273 -17.04 -11.12 -5.46
C ASP A 273 -17.48 -9.76 -4.97
N GLY A 274 -18.17 -9.02 -5.82
CA GLY A 274 -18.77 -7.75 -5.44
C GLY A 274 -17.95 -6.50 -5.67
N ASP A 275 -16.76 -6.65 -6.20
CA ASP A 275 -15.84 -5.52 -6.44
C ASP A 275 -14.86 -6.04 -7.49
N TYR A 276 -14.47 -5.16 -8.41
CA TYR A 276 -13.48 -5.45 -9.42
C TYR A 276 -12.16 -5.89 -8.78
N GLN A 277 -11.90 -5.45 -7.55
CA GLN A 277 -10.73 -5.93 -6.81
C GLN A 277 -10.56 -7.45 -6.89
N PHE A 278 -11.65 -8.15 -6.72
CA PHE A 278 -11.61 -9.62 -6.64
C PHE A 278 -11.35 -10.26 -7.98
N ASP A 279 -11.76 -9.56 -9.05
CA ASP A 279 -11.42 -10.00 -10.39
C ASP A 279 -9.92 -9.87 -10.64
N ILE A 280 -9.29 -8.84 -10.09
CA ILE A 280 -7.85 -8.64 -10.34
C ILE A 280 -7.03 -9.85 -9.87
N TYR A 281 -7.40 -10.47 -8.72
CA TYR A 281 -6.68 -11.66 -8.27
C TYR A 281 -6.77 -12.78 -9.33
N ARG A 282 -7.97 -13.00 -9.86
CA ARG A 282 -8.17 -14.00 -10.92
C ARG A 282 -7.41 -13.66 -12.22
N LEU A 283 -7.42 -12.37 -12.58
CA LEU A 283 -6.71 -11.91 -13.78
C LEU A 283 -5.21 -12.05 -13.64
N MET A 284 -4.68 -11.82 -12.43
CA MET A 284 -3.26 -12.08 -12.21
C MET A 284 -2.91 -13.56 -12.37
N LYS A 285 -3.75 -14.44 -11.82
CA LYS A 285 -3.54 -15.88 -11.88
C LYS A 285 -3.59 -16.35 -13.35
N LYS A 286 -4.48 -15.75 -14.14
CA LYS A 286 -4.55 -16.05 -15.59
C LYS A 286 -3.23 -15.64 -16.29
N GLU A 287 -2.78 -14.42 -16.02
CA GLU A 287 -1.55 -13.87 -16.59
C GLU A 287 -0.30 -14.68 -16.27
N ASN A 288 -0.19 -15.16 -15.03
CA ASN A 288 1.01 -15.89 -14.59
C ASN A 288 0.91 -17.40 -14.57
N ASN A 289 -0.21 -17.95 -15.02
CA ASN A 289 -0.41 -19.39 -15.04
C ASN A 289 -0.24 -20.03 -13.67
N ASN A 290 -0.61 -19.27 -12.63
CA ASN A 290 -0.45 -19.70 -11.23
C ASN A 290 0.99 -19.94 -10.79
N ARG A 291 1.96 -19.29 -11.46
CA ARG A 291 3.38 -19.38 -11.08
C ARG A 291 3.83 -18.02 -10.53
N TRP A 292 3.77 -17.90 -9.20
CA TRP A 292 3.91 -16.59 -8.53
C TRP A 292 5.34 -16.14 -8.38
N GLY A 293 6.31 -17.03 -8.60
CA GLY A 293 7.69 -16.58 -8.57
C GLY A 293 8.16 -15.82 -9.79
N GLU A 294 7.48 -16.03 -10.92
CA GLU A 294 7.82 -15.36 -12.17
C GLU A 294 7.53 -13.87 -12.09
N TYR A 295 8.20 -13.13 -12.97
CA TYR A 295 7.95 -11.70 -13.11
C TYR A 295 6.94 -11.42 -14.22
N HIS A 296 5.81 -10.87 -13.82
CA HIS A 296 4.72 -10.44 -14.76
C HIS A 296 4.30 -9.03 -14.40
N PRO A 297 5.04 -8.03 -14.90
CA PRO A 297 4.71 -6.68 -14.53
C PRO A 297 3.34 -6.19 -15.07
N TYR A 298 2.71 -6.95 -15.96
CA TYR A 298 1.33 -6.66 -16.30
C TYR A 298 0.40 -6.61 -15.09
N SER A 299 0.75 -7.32 -14.00
CA SER A 299 -0.09 -7.21 -12.80
C SER A 299 -0.17 -5.76 -12.30
N ASN A 300 0.92 -4.99 -12.44
CA ASN A 300 0.85 -3.60 -12.03
C ASN A 300 -0.13 -2.80 -12.91
N VAL A 301 -0.18 -3.13 -14.17
CA VAL A 301 -1.15 -2.50 -15.08
C VAL A 301 -2.56 -2.85 -14.64
N LEU A 302 -2.79 -4.11 -14.30
CA LEU A 302 -4.12 -4.51 -13.87
C LEU A 302 -4.55 -3.70 -12.65
N TRP A 303 -3.68 -3.56 -11.65
CA TRP A 303 -4.04 -2.77 -10.49
C TRP A 303 -4.26 -1.31 -10.80
N LEU A 304 -3.43 -0.75 -11.69
CA LEU A 304 -3.64 0.62 -12.12
C LEU A 304 -4.98 0.79 -12.83
N HIS A 305 -5.43 -0.23 -13.54
CA HIS A 305 -6.75 -0.21 -14.21
C HIS A 305 -7.85 -0.23 -13.17
N TYR A 306 -7.68 -1.08 -12.15
CA TYR A 306 -8.66 -1.12 -11.05
C TYR A 306 -8.74 0.24 -10.34
N LEU A 307 -7.61 0.92 -10.16
CA LEU A 307 -7.61 2.22 -9.51
C LEU A 307 -8.21 3.31 -10.38
N THR A 308 -7.95 3.25 -11.68
CA THR A 308 -8.58 4.18 -12.61
C THR A 308 -10.08 3.99 -12.63
N ASP A 309 -10.51 2.75 -12.60
CA ASP A 309 -11.93 2.41 -12.52
C ASP A 309 -12.55 3.01 -11.23
N LYS A 310 -11.87 2.87 -10.10
CA LYS A 310 -12.37 3.52 -8.87
C LYS A 310 -12.48 5.02 -9.05
N MET A 311 -11.49 5.66 -9.69
CA MET A 311 -11.53 7.13 -9.88
CA MET A 311 -11.60 7.10 -9.81
C MET A 311 -12.76 7.56 -10.67
N LEU A 312 -13.11 6.77 -11.67
CA LEU A 312 -14.20 7.13 -12.59
C LEU A 312 -15.58 6.70 -12.12
N LYS A 313 -15.63 5.67 -11.29
CA LYS A 313 -16.91 5.08 -10.94
C LYS A 313 -17.34 5.21 -9.48
N GLN A 314 -16.39 5.24 -8.56
CA GLN A 314 -16.74 5.27 -7.13
C GLN A 314 -16.33 6.56 -6.43
N MET A 315 -15.25 7.18 -6.86
CA MET A 315 -14.85 8.47 -6.27
C MET A 315 -15.87 9.52 -6.71
N THR A 316 -16.11 10.47 -5.83
CA THR A 316 -16.99 11.57 -6.15
C THR A 316 -16.31 12.85 -5.69
N PHE A 317 -16.30 13.87 -6.55
CA PHE A 317 -15.44 15.03 -6.33
C PHE A 317 -16.25 16.24 -5.91
N LYS A 318 -15.65 17.14 -5.15
CA LYS A 318 -16.33 18.32 -4.66
C LYS A 318 -16.75 19.23 -5.82
N THR A 319 -15.89 19.33 -6.82
CA THR A 319 -16.14 20.13 -8.00
C THR A 319 -16.13 19.20 -9.18
N LYS A 320 -17.22 19.28 -9.94
CA LYS A 320 -17.35 18.49 -11.18
C LYS A 320 -16.59 19.16 -12.30
N CYS A 321 -16.43 18.42 -13.39
CA CYS A 321 -15.84 18.96 -14.60
C CYS A 321 -16.97 19.76 -15.28
N ASN A 322 -17.15 20.99 -14.79
CA ASN A 322 -18.24 21.85 -15.18
C ASN A 322 -17.87 22.71 -16.38
N THR A 323 -16.58 22.79 -16.69
CA THR A 323 -16.10 23.66 -17.76
C THR A 323 -15.39 22.80 -18.80
N PRO A 324 -15.06 23.39 -19.98
CA PRO A 324 -14.06 22.69 -20.80
C PRO A 324 -12.68 22.95 -20.17
N ALA A 325 -11.72 22.10 -20.52
CA ALA A 325 -10.36 22.00 -19.94
C ALA A 325 -10.34 20.96 -18.78
N MET A 326 -11.26 21.10 -17.84
CA MET A 326 -11.59 20.01 -16.88
C MET A 326 -12.34 18.88 -17.58
N LYS A 327 -13.27 19.24 -18.45
CA LYS A 327 -13.96 18.24 -19.31
C LYS A 327 -12.94 17.44 -20.16
N GLN A 328 -11.87 18.11 -20.59
CA GLN A 328 -10.76 17.44 -21.29
C GLN A 328 -9.91 16.48 -20.44
N ILE A 329 -9.61 16.87 -19.19
CA ILE A 329 -8.93 15.95 -18.27
C ILE A 329 -9.80 14.71 -18.09
N LYS A 330 -11.09 14.88 -17.91
CA LYS A 330 -12.00 13.77 -17.76
C LYS A 330 -11.95 12.85 -18.97
N ARG A 331 -12.04 13.42 -20.16
CA ARG A 331 -11.92 12.58 -21.36
C ARG A 331 -10.58 11.85 -21.45
N LYS A 332 -9.50 12.50 -21.01
CA LYS A 332 -8.20 11.81 -21.05
C LYS A 332 -8.12 10.64 -20.05
N ILE A 333 -8.73 10.80 -18.87
CA ILE A 333 -8.73 9.69 -17.92
C ILE A 333 -9.63 8.56 -18.42
N GLN A 334 -10.74 8.90 -19.05
CA GLN A 334 -11.57 7.85 -19.66
C GLN A 334 -10.81 7.12 -20.76
N GLU A 335 -10.06 7.87 -21.56
CA GLU A 335 -9.25 7.25 -22.62
C GLU A 335 -8.16 6.35 -22.04
N PHE A 336 -7.55 6.77 -20.94
CA PHE A 336 -6.57 5.94 -20.20
C PHE A 336 -7.22 4.65 -19.75
N HIS A 337 -8.43 4.74 -19.18
CA HIS A 337 -9.12 3.53 -18.72
C HIS A 337 -9.36 2.52 -19.85
N ARG A 338 -9.68 2.99 -21.05
CA ARG A 338 -10.06 2.05 -22.13
C ARG A 338 -8.85 1.59 -22.95
N THR A 339 -7.67 2.17 -22.72
CA THR A 339 -6.48 1.80 -23.48
C THR A 339 -5.36 1.18 -22.65
N MET A 340 -5.32 1.46 -21.36
CA MET A 340 -4.14 1.06 -20.56
C MET A 340 -3.90 -0.44 -20.49
N LEU A 341 -4.92 -1.27 -20.63
CA LEU A 341 -4.73 -2.73 -20.57
C LEU A 341 -3.96 -3.26 -21.76
N ASN A 342 -3.70 -2.40 -22.77
CA ASN A 342 -2.86 -2.78 -23.91
C ASN A 342 -1.38 -2.44 -23.72
N PHE A 343 -0.99 -2.08 -22.49
CA PHE A 343 0.41 -1.81 -22.16
C PHE A 343 0.95 -2.93 -21.27
N SER A 344 2.25 -3.16 -21.35
CA SER A 344 2.84 -4.37 -20.78
C SER A 344 3.34 -4.24 -19.35
N SER A 345 3.43 -3.02 -18.84
CA SER A 345 4.02 -2.75 -17.54
C SER A 345 3.76 -1.30 -17.17
N ALA A 346 3.91 -0.98 -15.89
CA ALA A 346 3.83 0.44 -15.48
C ALA A 346 4.88 1.28 -16.21
N THR A 347 6.06 0.72 -16.48
CA THR A 347 7.10 1.41 -17.20
C THR A 347 6.60 1.79 -18.60
N ASP A 348 6.00 0.82 -19.31
CA ASP A 348 5.45 1.05 -20.66
C ASP A 348 4.37 2.14 -20.59
N LEU A 349 3.50 2.07 -19.58
CA LEU A 349 2.49 3.15 -19.41
C LEU A 349 3.10 4.51 -19.21
N LEU A 350 4.05 4.60 -18.31
CA LEU A 350 4.64 5.90 -17.98
C LEU A 350 5.33 6.50 -19.18
N CYS A 351 6.07 5.65 -19.90
CA CYS A 351 6.94 6.13 -20.95
C CYS A 351 6.19 6.37 -22.27
N GLN A 352 5.08 5.66 -22.47
CA GLN A 352 4.38 5.69 -23.78
C GLN A 352 2.97 6.21 -23.76
N HIS A 353 2.27 6.20 -22.64
CA HIS A 353 0.85 6.60 -22.66
C HIS A 353 0.72 8.11 -22.81
N SER A 354 -0.22 8.53 -23.66
CA SER A 354 -0.45 9.95 -23.89
C SER A 354 -0.92 10.73 -22.65
N LEU A 355 -1.53 10.06 -21.66
CA LEU A 355 -1.98 10.73 -20.43
C LEU A 355 -0.82 11.49 -19.77
N PHE A 356 0.39 10.94 -19.88
CA PHE A 356 1.56 11.46 -19.15
C PHE A 356 2.50 12.31 -20.00
N LYS A 357 2.02 12.76 -21.16
CA LYS A 357 2.75 13.66 -22.07
C LYS A 357 2.31 15.13 -22.05
P PO4 B . -2.13 -1.49 34.17
O1 PO4 B . -1.84 -2.69 35.06
O2 PO4 B . -3.56 -1.00 34.29
O3 PO4 B . -1.89 -1.92 32.73
O4 PO4 B . -1.13 -0.39 34.48
F FTU C . 0.96 1.03 6.81
C6 FTU C . -0.14 1.80 6.96
C5 FTU C . -1.43 1.36 7.05
C7 FTU C . -0.15 3.22 7.05
C10 FTU C . -1.51 3.58 7.22
N3 FTU C . -1.93 4.83 7.34
C9 FTU C . -0.95 5.74 7.31
N2 FTU C . 0.36 5.54 7.17
C8 FTU C . 0.79 4.27 7.02
N1 FTU C . 2.09 4.07 6.87
N FTU C . -2.26 2.45 7.21
C4 FTU C . -3.72 2.41 7.35
C3 FTU C . -4.47 2.64 6.05
O1 FTU C . -5.71 3.29 6.32
C2 FTU C . -4.63 1.20 5.56
O2 FTU C . -5.72 1.04 4.63
O FTU C . -4.09 1.14 7.83
C1 FTU C . -4.91 0.45 6.85
C FTU C . -4.58 -1.03 6.85
O3 FTU C . -3.26 -1.31 6.42
#